data_1D9I
#
_entry.id   1D9I
#
_cell.length_a   71.460
_cell.length_b   72.190
_cell.length_c   73.120
_cell.angle_alpha   90.00
_cell.angle_beta   100.70
_cell.angle_gamma   90.00
#
_symmetry.space_group_name_H-M   'C 1 2 1'
#
loop_
_entity.id
_entity.type
_entity.pdbx_description
1 polymer THROMBIN
2 polymer HIRUGEN
3 non-polymer 'SODIUM ION'
4 non-polymer (5S)-N-[(trans-4-aminocyclohexyl)methyl]-1,3-dioxo-2-[2-(phenylsulfonyl)ethyl]-2,3,5,8-tetrahydro-1H-[1,2,4]triazolo[1,2-a]pyridazine-5-carboxamide
5 water water
#
loop_
_entity_poly.entity_id
_entity_poly.type
_entity_poly.pdbx_seq_one_letter_code
_entity_poly.pdbx_strand_id
1 'polypeptide(L)'
;ADCGLRPLFEKKSLEDKTERELLESYIDGRIVEGSDAEIGMSPWQVMLFRKSPQELLCGASLISDRWVLTAAHCLLYPPW
DKNFTENDLLVRIGKHSRTRYERNIEKISMLEKIYIHPRYNWRENLDRDIALMKLKKPVAFSDYIHPVCLPDRETAASLL
QAGYKGRVTGWGNLKETWTANVGKGQPSVLQVVNLPIVERPVCKDSTRIRITDNMFCAGYKPDEGKRGDACEGDSGGPFV
MKSPFNNRWYQMGIVSWGEGCDRDGKYGFYTHVFRLKKWIQKVIDQFG
;
A
2 'polypeptide(L)' DFEEIPEE(TYS)L I
#
loop_
_chem_comp.id
_chem_comp.type
_chem_comp.name
_chem_comp.formula
00P peptide-like (5S)-N-[(trans-4-aminocyclohexyl)methyl]-1,3-dioxo-2-[2-(phenylsulfonyl)ethyl]-2,3,5,8-tetrahydro-1H-[1,2,4]triazolo[1,2-a]pyridazine-5-carboxamide 'C22 H29 N5 O5 S'
NA non-polymer 'SODIUM ION' 'Na 1'
#
# COMPACT_ATOMS: atom_id res chain seq x y z
N ALA A 1 -2.98 6.78 16.94
CA ALA A 1 -3.29 6.23 18.25
C ALA A 1 -4.48 5.28 18.19
N ASP A 2 -5.31 5.56 17.17
CA ASP A 2 -6.55 4.80 16.93
C ASP A 2 -6.34 3.78 15.80
N CYS A 3 -5.12 3.84 15.38
CA CYS A 3 -4.53 3.14 14.25
C CYS A 3 -4.88 1.67 14.29
N GLY A 4 -5.10 1.21 13.06
CA GLY A 4 -5.51 -0.11 12.74
C GLY A 4 -6.81 -0.64 13.33
N LEU A 5 -7.71 0.19 13.84
CA LEU A 5 -9.02 -0.41 14.28
C LEU A 5 -10.05 0.22 13.34
N ARG A 6 -10.48 -0.61 12.41
CA ARG A 6 -11.47 -0.23 11.39
C ARG A 6 -12.82 -0.03 12.02
N PRO A 7 -13.40 1.16 11.86
CA PRO A 7 -14.68 1.44 12.44
C PRO A 7 -15.74 0.43 12.03
N LEU A 8 -15.61 -0.26 10.83
CA LEU A 8 -16.80 -1.05 10.50
C LEU A 8 -16.60 -2.53 10.88
N PHE A 9 -15.49 -2.83 11.55
CA PHE A 9 -15.20 -4.21 11.98
C PHE A 9 -14.74 -4.25 13.44
N GLU A 10 -13.43 -4.17 13.63
CA GLU A 10 -12.83 -4.21 14.97
C GLU A 10 -13.73 -3.44 15.96
N LYS A 11 -13.92 -2.18 15.66
CA LYS A 11 -14.79 -1.29 16.43
C LYS A 11 -16.11 -2.00 16.74
N LYS A 12 -16.90 -2.37 15.70
CA LYS A 12 -18.20 -3.02 15.93
C LYS A 12 -18.05 -4.47 16.29
N SER A 13 -16.84 -4.99 16.37
CA SER A 13 -16.65 -6.42 16.68
C SER A 13 -17.10 -7.33 15.55
N LEU A 14 -16.88 -6.80 14.33
CA LEU A 14 -17.09 -7.56 13.09
C LEU A 14 -15.73 -7.94 12.48
N GLU A 15 -15.69 -9.07 11.84
CA GLU A 15 -14.63 -9.72 11.12
C GLU A 15 -14.91 -9.79 9.60
N ASP A 16 -14.01 -9.26 8.72
CA ASP A 16 -14.21 -9.48 7.28
C ASP A 16 -13.88 -10.93 6.93
N LYS A 17 -14.20 -11.27 5.71
CA LYS A 17 -14.09 -12.64 5.22
C LYS A 17 -12.69 -13.29 5.39
N THR A 18 -11.64 -12.72 4.80
CA THR A 18 -10.34 -13.44 4.79
C THR A 18 -9.42 -13.21 6.01
N GLU A 19 -9.88 -12.44 6.97
CA GLU A 19 -9.11 -12.19 8.20
C GLU A 19 -8.51 -13.49 8.77
N ARG A 20 -9.37 -14.51 8.80
CA ARG A 20 -9.03 -15.85 9.34
C ARG A 20 -7.70 -16.39 8.77
N GLU A 21 -7.58 -16.30 7.46
CA GLU A 21 -6.39 -16.76 6.73
C GLU A 21 -5.16 -16.05 7.28
N LEU A 22 -5.27 -14.74 7.38
CA LEU A 22 -4.20 -13.94 7.95
C LEU A 22 -3.78 -14.59 9.27
N LEU A 23 -4.71 -14.49 10.20
CA LEU A 23 -4.58 -14.91 11.60
C LEU A 23 -4.25 -16.40 11.82
N GLU A 24 -4.61 -17.24 10.87
CA GLU A 24 -4.38 -18.69 10.97
C GLU A 24 -3.01 -19.09 10.39
N SER A 25 -2.27 -18.09 9.94
CA SER A 25 -0.92 -18.31 9.40
C SER A 25 0.08 -17.95 10.49
N TYR A 26 -0.33 -17.00 11.30
CA TYR A 26 0.44 -16.62 12.47
C TYR A 26 0.42 -17.85 13.33
N ILE A 27 -0.22 -18.85 12.74
CA ILE A 27 -0.39 -20.11 13.42
C ILE A 27 -1.59 -19.93 14.37
N ASP A 28 -2.47 -19.04 13.90
CA ASP A 28 -3.72 -18.59 14.56
C ASP A 28 -3.39 -17.50 15.60
N ILE A 31 -5.21 -5.87 -8.70
CA ILE A 31 -4.65 -7.06 -8.06
C ILE A 31 -4.92 -8.24 -9.01
N VAL A 32 -4.06 -9.22 -9.07
CA VAL A 32 -4.21 -10.43 -9.89
C VAL A 32 -4.64 -11.63 -9.07
N GLU A 33 -5.83 -12.13 -9.38
CA GLU A 33 -6.39 -13.28 -8.65
C GLU A 33 -6.65 -12.96 -7.17
N GLY A 34 -7.32 -11.83 -6.97
CA GLY A 34 -7.70 -11.28 -5.67
C GLY A 34 -9.24 -11.21 -5.55
N SER A 35 -9.69 -10.64 -4.44
CA SER A 35 -11.13 -10.49 -4.17
C SER A 35 -11.52 -8.99 -4.18
N ASP A 36 -12.78 -8.81 -4.37
CA ASP A 36 -13.49 -7.51 -4.29
C ASP A 36 -13.43 -7.12 -2.81
N ALA A 37 -12.98 -5.91 -2.46
CA ALA A 37 -12.90 -5.59 -1.03
C ALA A 37 -14.31 -5.38 -0.51
N GLU A 38 -14.51 -5.62 0.77
CA GLU A 38 -15.78 -5.27 1.43
C GLU A 38 -15.84 -3.78 1.79
N ILE A 39 -17.00 -3.15 1.89
CA ILE A 39 -16.96 -1.69 2.22
C ILE A 39 -16.29 -1.50 3.58
N GLY A 40 -15.46 -0.48 3.71
CA GLY A 40 -14.73 -0.07 4.91
C GLY A 40 -13.70 -1.09 5.40
N MET A 41 -13.22 -1.95 4.52
CA MET A 41 -12.30 -3.02 4.91
C MET A 41 -10.86 -2.55 4.96
N SER A 42 -10.58 -1.45 4.31
CA SER A 42 -9.22 -0.88 4.17
C SER A 42 -9.33 0.64 4.13
N PRO A 43 -9.76 1.19 5.26
CA PRO A 43 -10.04 2.62 5.43
C PRO A 43 -8.83 3.51 5.37
N TRP A 44 -7.65 2.92 5.22
CA TRP A 44 -6.36 3.61 5.13
C TRP A 44 -5.82 3.62 3.70
N GLN A 45 -6.49 2.98 2.78
CA GLN A 45 -6.15 2.92 1.36
C GLN A 45 -6.45 4.28 0.72
N VAL A 46 -5.46 4.80 0.03
CA VAL A 46 -5.52 6.07 -0.71
C VAL A 46 -5.37 5.82 -2.21
N MET A 47 -5.93 6.70 -3.00
CA MET A 47 -5.76 6.71 -4.46
C MET A 47 -4.75 7.83 -4.75
N LEU A 48 -3.77 7.62 -5.57
CA LEU A 48 -2.86 8.76 -5.90
C LEU A 48 -3.32 9.22 -7.29
N PHE A 49 -3.94 10.40 -7.36
CA PHE A 49 -4.57 10.85 -8.58
C PHE A 49 -3.99 12.11 -9.21
N ARG A 50 -3.76 11.88 -10.52
CA ARG A 50 -3.22 12.90 -11.41
C ARG A 50 -4.32 13.90 -11.79
N LYS A 51 -3.95 15.16 -11.62
CA LYS A 51 -4.84 16.28 -11.99
C LYS A 51 -5.08 16.30 -13.50
N SER A 52 -4.06 16.24 -14.35
CA SER A 52 -4.28 16.27 -15.83
C SER A 52 -3.23 15.57 -16.67
N PRO A 53 -3.49 14.44 -17.30
CA PRO A 53 -4.74 13.69 -17.30
C PRO A 53 -5.28 13.33 -15.93
N GLN A 54 -6.61 13.28 -15.83
CA GLN A 54 -7.26 12.93 -14.54
C GLN A 54 -7.21 11.40 -14.57
N GLU A 55 -6.22 10.85 -13.89
CA GLU A 55 -5.97 9.39 -13.89
C GLU A 55 -5.31 8.96 -12.59
N LEU A 56 -5.43 7.70 -12.28
CA LEU A 56 -4.85 7.11 -11.04
C LEU A 56 -3.37 6.82 -11.28
N LEU A 57 -2.48 7.35 -10.47
CA LEU A 57 -1.05 6.94 -10.70
C LEU A 57 -0.64 5.78 -9.81
N CYS A 58 -0.93 5.76 -8.52
CA CYS A 58 -0.53 4.68 -7.61
C CYS A 58 -1.54 4.58 -6.43
N GLY A 59 -1.17 3.63 -5.58
CA GLY A 59 -1.88 3.34 -4.32
C GLY A 59 -1.08 4.07 -3.20
N ALA A 60 -1.64 4.01 -2.00
CA ALA A 60 -1.03 4.71 -0.85
C ALA A 60 -1.72 4.42 0.47
N SER A 61 -1.11 4.89 1.57
CA SER A 61 -1.75 4.67 2.90
C SER A 61 -1.83 5.97 3.67
N LEU A 62 -2.74 6.02 4.60
CA LEU A 62 -3.11 7.12 5.50
C LEU A 62 -2.59 6.65 6.88
N ILE A 63 -1.50 7.22 7.27
CA ILE A 63 -0.86 6.94 8.55
C ILE A 63 -1.33 7.91 9.66
N SER A 64 -1.67 9.12 9.32
CA SER A 64 -2.06 10.22 10.21
C SER A 64 -3.27 10.91 9.60
N ASP A 65 -3.53 12.14 10.04
CA ASP A 65 -4.71 12.86 9.46
C ASP A 65 -4.14 13.84 8.42
N ARG A 66 -2.83 13.98 8.55
CA ARG A 66 -2.01 14.87 7.75
C ARG A 66 -1.00 14.20 6.80
N TRP A 67 -0.71 12.95 6.95
CA TRP A 67 0.28 12.15 6.30
C TRP A 67 -0.20 10.91 5.56
N VAL A 68 0.42 10.70 4.41
CA VAL A 68 0.20 9.63 3.48
C VAL A 68 1.51 8.88 3.21
N LEU A 69 1.46 7.57 3.07
CA LEU A 69 2.72 6.89 2.76
C LEU A 69 2.62 6.31 1.33
N THR A 70 3.60 6.58 0.49
CA THR A 70 3.60 5.96 -0.86
C THR A 70 4.95 5.40 -1.27
N ALA A 71 5.08 5.03 -2.55
CA ALA A 71 6.38 4.50 -3.07
C ALA A 71 7.17 5.68 -3.60
N ALA A 72 8.49 5.65 -3.53
CA ALA A 72 9.28 6.82 -4.07
C ALA A 72 9.06 6.93 -5.59
N HIS A 73 9.07 5.77 -6.20
CA HIS A 73 8.93 5.46 -7.61
C HIS A 73 7.64 5.97 -8.20
N CYS A 74 6.71 6.38 -7.34
CA CYS A 74 5.43 6.95 -7.72
C CYS A 74 5.57 8.41 -8.11
N LEU A 75 6.44 9.06 -7.36
CA LEU A 75 6.77 10.47 -7.51
C LEU A 75 7.88 10.69 -8.53
N LEU A 76 8.91 9.68 -8.52
CA LEU A 76 10.14 10.10 -9.23
C LEU A 76 10.90 8.87 -9.76
N TYR A 77 10.89 8.78 -11.08
CA TYR A 77 11.62 7.73 -11.81
C TYR A 77 12.16 8.32 -13.11
N PRO A 78 13.42 8.80 -13.07
CA PRO A 78 14.04 9.44 -14.23
C PRO A 78 14.08 8.51 -15.40
N PRO A 79 14.42 7.24 -15.26
CA PRO A 79 14.52 6.37 -16.41
C PRO A 79 13.26 6.43 -17.25
N TRP A 80 12.13 6.74 -16.65
CA TRP A 80 10.84 6.75 -17.37
C TRP A 80 10.25 8.16 -17.54
N ASP A 81 11.10 9.14 -17.24
CA ASP A 81 10.76 10.58 -17.36
C ASP A 81 9.72 10.97 -16.31
N LYS A 82 9.66 10.16 -15.28
CA LYS A 82 8.77 10.38 -14.14
C LYS A 82 9.48 11.20 -13.07
N ASN A 83 8.79 12.23 -12.65
CA ASN A 83 9.25 13.16 -11.62
C ASN A 83 8.12 14.15 -11.32
N PHE A 84 7.21 13.71 -10.45
CA PHE A 84 6.01 14.50 -10.11
C PHE A 84 6.26 15.43 -8.91
N THR A 85 5.52 16.51 -9.01
CA THR A 85 5.53 17.61 -8.06
C THR A 85 4.14 17.67 -7.38
N GLU A 86 4.09 18.25 -6.18
CA GLU A 86 2.86 18.31 -5.35
C GLU A 86 1.84 19.32 -5.90
N ASN A 87 1.74 19.62 -7.16
CA ASN A 87 0.68 20.40 -7.81
C ASN A 87 0.04 19.61 -8.97
N ASP A 88 0.69 18.48 -9.28
CA ASP A 88 0.26 17.63 -10.40
C ASP A 88 -0.58 16.46 -9.88
N LEU A 89 -0.75 16.49 -8.57
CA LEU A 89 -1.51 15.43 -7.88
C LEU A 89 -2.60 15.92 -6.92
N LEU A 90 -3.54 15.04 -6.71
CA LEU A 90 -4.68 15.02 -5.81
C LEU A 90 -4.76 13.61 -5.18
N VAL A 91 -4.86 13.54 -3.87
CA VAL A 91 -5.01 12.26 -3.12
C VAL A 91 -6.48 12.04 -2.84
N ARG A 92 -7.01 10.89 -3.18
CA ARG A 92 -8.44 10.56 -2.97
C ARG A 92 -8.60 9.53 -1.86
N ILE A 93 -9.18 9.91 -0.71
CA ILE A 93 -9.41 9.07 0.45
C ILE A 93 -10.85 8.64 0.76
N GLY A 94 -11.03 7.38 1.09
CA GLY A 94 -12.36 6.87 1.45
C GLY A 94 -13.07 6.22 0.32
N LYS A 95 -12.30 5.91 -0.73
CA LYS A 95 -12.89 5.30 -1.94
C LYS A 95 -12.94 3.78 -1.87
N HIS A 96 -13.75 3.27 -2.76
CA HIS A 96 -14.11 1.89 -3.06
C HIS A 96 -14.09 1.68 -4.58
N SER A 97 -15.07 2.25 -5.26
CA SER A 97 -15.07 2.16 -6.74
C SER A 97 -13.89 3.01 -7.20
N ARG A 98 -13.37 2.65 -8.34
CA ARG A 98 -12.11 3.22 -8.87
C ARG A 98 -12.33 4.46 -9.80
N THR A 99 -13.38 4.38 -10.60
CA THR A 99 -13.77 5.34 -11.66
C THR A 99 -14.58 6.57 -11.21
N ARG A 100 -15.56 6.30 -10.38
CA ARG A 100 -16.54 7.31 -9.97
C ARG A 100 -16.10 8.13 -8.77
N TYR A 101 -16.73 9.29 -8.73
CA TYR A 101 -16.54 10.25 -7.66
C TYR A 101 -17.67 10.07 -6.65
N GLU A 102 -17.32 9.24 -5.70
CA GLU A 102 -18.17 8.82 -4.58
C GLU A 102 -18.48 10.02 -3.69
N ARG A 103 -19.52 10.70 -4.09
CA ARG A 103 -20.12 11.92 -3.67
C ARG A 103 -19.91 12.40 -2.25
N ASN A 104 -20.46 11.69 -1.30
CA ASN A 104 -20.31 12.09 0.11
C ASN A 104 -19.48 11.07 0.90
N ILE A 105 -18.93 10.02 0.27
CA ILE A 105 -18.12 9.07 1.05
C ILE A 105 -16.63 9.40 0.96
N GLU A 106 -16.09 9.77 -0.18
CA GLU A 106 -14.67 10.07 -0.36
C GLU A 106 -14.30 11.52 -0.23
N LYS A 107 -13.03 11.67 0.20
CA LYS A 107 -12.50 13.04 0.37
C LYS A 107 -11.20 13.13 -0.43
N ILE A 108 -11.03 14.26 -1.08
CA ILE A 108 -9.95 14.57 -2.01
C ILE A 108 -9.10 15.67 -1.40
N SER A 109 -7.83 15.48 -1.22
CA SER A 109 -6.92 16.45 -0.65
C SER A 109 -5.83 16.85 -1.67
N MET A 110 -5.28 17.99 -1.28
CA MET A 110 -4.14 18.57 -1.98
C MET A 110 -2.97 18.38 -1.00
N LEU A 111 -1.84 18.19 -1.63
CA LEU A 111 -0.55 17.93 -1.01
C LEU A 111 0.18 19.24 -0.65
N GLU A 112 0.85 19.15 0.48
CA GLU A 112 1.64 20.33 0.93
C GLU A 112 3.13 20.20 0.70
N LYS A 113 3.69 19.02 0.79
CA LYS A 113 5.13 18.80 0.57
C LYS A 113 5.39 17.33 0.32
N ILE A 114 6.34 17.05 -0.50
CA ILE A 114 6.74 15.66 -0.85
C ILE A 114 8.12 15.50 -0.21
N TYR A 115 8.42 14.30 0.26
CA TYR A 115 9.65 13.97 0.99
C TYR A 115 10.13 12.61 0.49
N ILE A 116 11.06 12.59 -0.48
CA ILE A 116 11.51 11.30 -1.00
C ILE A 116 12.60 10.79 -0.06
N HIS A 117 12.85 9.52 0.00
CA HIS A 117 13.97 9.00 0.82
C HIS A 117 15.25 9.56 0.18
N PRO A 118 16.04 10.22 1.05
CA PRO A 118 17.28 10.86 0.59
C PRO A 118 18.05 9.87 -0.27
N ARG A 119 18.14 8.64 0.21
CA ARG A 119 18.88 7.66 -0.59
C ARG A 119 18.00 6.67 -1.32
N TYR A 120 16.93 7.10 -1.94
CA TYR A 120 16.18 6.10 -2.79
C TYR A 120 17.14 5.88 -3.98
N ASN A 121 17.41 4.67 -4.33
CA ASN A 121 18.31 4.22 -5.39
C ASN A 121 17.56 3.82 -6.68
N TRP A 122 17.05 4.83 -7.36
CA TRP A 122 16.31 4.61 -8.62
C TRP A 122 17.19 4.09 -9.75
N ARG A 123 18.51 4.24 -9.63
CA ARG A 123 19.44 3.78 -10.64
C ARG A 123 19.77 2.30 -10.55
N GLU A 124 19.53 1.61 -9.45
CA GLU A 124 19.91 0.19 -9.45
C GLU A 124 18.82 -0.79 -9.12
N ASN A 125 18.17 -0.60 -7.95
CA ASN A 125 17.23 -1.63 -7.47
C ASN A 125 16.03 -1.14 -6.69
N LEU A 126 15.84 0.18 -6.64
CA LEU A 126 14.70 0.76 -5.93
C LEU A 126 14.89 0.60 -4.41
N ASP A 127 16.12 0.52 -3.99
CA ASP A 127 16.42 0.44 -2.54
C ASP A 127 15.84 1.75 -1.92
N ARG A 128 15.14 1.57 -0.82
CA ARG A 128 14.53 2.64 -0.04
C ARG A 128 13.42 3.36 -0.78
N ASP A 129 12.56 2.58 -1.35
CA ASP A 129 11.44 3.09 -2.18
C ASP A 129 10.33 3.62 -1.27
N ILE A 130 10.55 4.78 -0.68
CA ILE A 130 9.57 5.29 0.33
C ILE A 130 9.48 6.78 0.22
N ALA A 131 8.31 7.34 0.36
CA ALA A 131 8.07 8.79 0.28
C ALA A 131 6.88 9.10 1.20
N LEU A 132 6.88 10.29 1.74
CA LEU A 132 5.81 10.86 2.55
C LEU A 132 5.29 12.16 1.85
N MET A 133 4.01 12.30 1.97
CA MET A 133 3.35 13.52 1.46
C MET A 133 2.66 14.03 2.73
N LYS A 134 2.56 15.29 2.86
CA LYS A 134 1.88 15.91 4.02
C LYS A 134 0.77 16.71 3.27
N LEU A 135 -0.42 16.47 3.73
CA LEU A 135 -1.64 17.03 3.15
C LEU A 135 -1.80 18.51 3.49
N LYS A 136 -2.37 19.24 2.54
CA LYS A 136 -2.56 20.66 2.78
C LYS A 136 -3.31 20.85 4.09
N LYS A 137 -4.40 20.15 4.32
CA LYS A 137 -5.27 20.21 5.50
C LYS A 137 -5.59 18.78 5.95
N PRO A 138 -5.79 18.65 7.24
CA PRO A 138 -6.11 17.33 7.84
C PRO A 138 -7.47 16.84 7.35
N VAL A 139 -7.65 15.54 7.31
CA VAL A 139 -8.85 14.84 6.92
C VAL A 139 -9.58 14.39 8.20
N ALA A 140 -10.90 14.37 8.06
CA ALA A 140 -11.72 13.85 9.18
C ALA A 140 -11.96 12.36 8.83
N PHE A 141 -11.79 11.66 9.93
CA PHE A 141 -12.03 10.20 9.88
C PHE A 141 -13.54 9.99 9.89
N SER A 142 -13.97 8.93 9.23
CA SER A 142 -15.41 8.58 9.13
C SER A 142 -15.26 7.06 9.08
N ASP A 143 -16.28 6.34 9.08
CA ASP A 143 -16.32 4.91 8.92
C ASP A 143 -15.47 4.30 7.80
N TYR A 144 -15.14 5.01 6.76
CA TYR A 144 -14.34 4.71 5.58
C TYR A 144 -12.94 5.32 5.47
N ILE A 145 -12.61 6.28 6.27
CA ILE A 145 -11.28 6.97 6.30
C ILE A 145 -10.64 6.75 7.66
N HIS A 146 -9.51 6.06 7.74
CA HIS A 146 -8.92 5.76 9.08
C HIS A 146 -7.50 5.22 8.92
N PRO A 147 -6.58 5.81 9.65
CA PRO A 147 -5.18 5.42 9.65
C PRO A 147 -4.89 3.99 10.10
N VAL A 148 -3.86 3.47 9.47
CA VAL A 148 -3.27 2.17 9.71
C VAL A 148 -2.15 2.42 10.70
N CYS A 149 -1.68 1.41 11.41
CA CYS A 149 -0.59 1.62 12.37
C CYS A 149 0.76 1.41 11.72
N LEU A 150 1.81 1.85 12.30
CA LEU A 150 3.20 1.62 11.76
C LEU A 150 3.87 0.79 12.84
N PRO A 151 4.48 -0.32 12.48
CA PRO A 151 5.10 -1.23 13.42
C PRO A 151 6.27 -0.67 14.23
N ASP A 152 6.53 -1.41 15.30
CA ASP A 152 7.58 -1.24 16.31
C ASP A 152 8.51 -2.45 16.16
N ARG A 153 9.72 -2.29 16.66
CA ARG A 153 10.73 -3.33 16.59
C ARG A 153 10.26 -4.71 16.98
N GLU A 154 9.23 -4.83 17.79
CA GLU A 154 8.82 -6.16 18.31
C GLU A 154 7.57 -6.63 17.63
N THR A 155 6.89 -5.66 17.00
CA THR A 155 5.74 -6.08 16.17
C THR A 155 6.37 -6.57 14.85
N ALA A 156 7.30 -5.75 14.38
CA ALA A 156 7.95 -6.12 13.09
C ALA A 156 8.65 -7.44 13.37
N ALA A 157 9.18 -7.51 14.58
CA ALA A 157 9.89 -8.75 15.00
C ALA A 157 9.10 -10.01 14.78
N SER A 158 7.89 -10.05 15.37
CA SER A 158 7.12 -11.30 15.32
C SER A 158 6.08 -11.56 14.27
N LEU A 159 5.79 -10.75 13.31
CA LEU A 159 4.77 -11.03 12.28
C LEU A 159 5.44 -11.29 10.92
N LEU A 160 6.57 -10.57 10.84
CA LEU A 160 7.37 -10.56 9.63
C LEU A 160 8.13 -11.88 9.52
N GLN A 161 7.42 -12.92 9.10
CA GLN A 161 8.04 -14.23 8.94
C GLN A 161 7.44 -15.14 7.87
N ALA A 162 8.39 -15.85 7.27
CA ALA A 162 8.16 -16.79 6.22
C ALA A 162 6.93 -17.63 6.59
N GLY A 163 5.96 -17.49 5.67
CA GLY A 163 4.70 -18.18 5.80
C GLY A 163 3.58 -17.37 6.42
N TYR A 164 3.91 -16.25 7.05
CA TYR A 164 2.85 -15.41 7.64
C TYR A 164 2.10 -14.70 6.53
N LYS A 165 0.77 -14.72 6.63
CA LYS A 165 0.07 -13.94 5.57
C LYS A 165 -0.16 -12.49 5.99
N GLY A 166 0.03 -11.61 5.05
CA GLY A 166 -0.18 -10.16 5.06
C GLY A 166 -1.21 -9.90 3.94
N ARG A 167 -1.64 -8.70 3.72
CA ARG A 167 -2.69 -8.43 2.71
C ARG A 167 -2.35 -7.28 1.82
N VAL A 168 -2.58 -7.37 0.50
CA VAL A 168 -2.29 -6.27 -0.42
C VAL A 168 -3.59 -5.71 -1.02
N THR A 169 -3.59 -4.42 -1.37
CA THR A 169 -4.81 -3.84 -1.92
C THR A 169 -4.53 -2.86 -3.03
N GLY A 170 -5.43 -2.77 -4.01
CA GLY A 170 -5.21 -1.90 -5.17
C GLY A 170 -6.34 -1.81 -6.18
N TRP A 171 -6.30 -0.78 -6.98
CA TRP A 171 -7.22 -0.42 -8.07
C TRP A 171 -6.61 -0.77 -9.45
N GLY A 172 -5.38 -1.27 -9.38
CA GLY A 172 -4.57 -1.70 -10.47
C GLY A 172 -5.03 -2.95 -11.21
N ASN A 173 -4.13 -3.17 -12.18
CA ASN A 173 -4.30 -4.24 -13.17
C ASN A 173 -4.73 -5.55 -12.50
N LEU A 174 -5.68 -6.12 -13.19
CA LEU A 174 -6.31 -7.39 -12.85
C LEU A 174 -5.66 -8.52 -13.65
N LYS A 175 -4.79 -8.09 -14.53
CA LYS A 175 -4.07 -8.95 -15.47
C LYS A 175 -2.87 -8.19 -16.02
N GLU A 176 -1.85 -8.98 -16.38
CA GLU A 176 -0.59 -8.47 -16.99
C GLU A 176 -0.89 -7.86 -18.40
N THR A 177 -1.64 -8.64 -19.18
CA THR A 177 -2.08 -8.27 -20.54
C THR A 177 -3.45 -8.89 -20.82
N GLY A 185 -7.41 -5.95 -18.16
CA GLY A 185 -8.32 -6.08 -17.03
C GLY A 185 -8.14 -4.90 -16.05
N GLN A 186 -9.32 -4.43 -15.66
CA GLN A 186 -9.43 -3.34 -14.67
C GLN A 186 -10.73 -3.48 -13.92
N PRO A 187 -10.62 -3.30 -12.61
CA PRO A 187 -11.71 -3.52 -11.68
C PRO A 187 -12.57 -2.27 -11.64
N SER A 188 -13.74 -2.48 -11.09
CA SER A 188 -14.67 -1.36 -10.82
C SER A 188 -14.55 -0.94 -9.33
N VAL A 189 -14.06 -1.85 -8.55
CA VAL A 189 -13.93 -1.79 -7.09
C VAL A 189 -12.61 -2.32 -6.56
N LEU A 190 -12.15 -1.66 -5.50
CA LEU A 190 -10.89 -2.04 -4.80
C LEU A 190 -10.85 -3.54 -4.64
N GLN A 191 -9.67 -4.10 -4.77
CA GLN A 191 -9.46 -5.56 -4.72
C GLN A 191 -8.62 -5.89 -3.49
N VAL A 192 -8.43 -7.13 -3.13
CA VAL A 192 -7.58 -7.45 -1.93
C VAL A 192 -6.85 -8.73 -2.23
N VAL A 193 -5.71 -9.05 -1.67
CA VAL A 193 -5.10 -10.39 -1.87
C VAL A 193 -4.20 -10.62 -0.64
N ASN A 194 -4.27 -11.79 -0.07
CA ASN A 194 -3.49 -12.18 1.12
C ASN A 194 -2.34 -13.06 0.58
N LEU A 195 -1.13 -12.65 0.89
CA LEU A 195 0.08 -13.32 0.41
C LEU A 195 1.05 -13.57 1.56
N PRO A 196 1.72 -14.70 1.48
CA PRO A 196 2.71 -15.16 2.46
C PRO A 196 4.09 -14.56 2.29
N ILE A 197 4.76 -14.35 3.39
CA ILE A 197 6.11 -13.78 3.38
C ILE A 197 6.99 -14.97 3.05
N VAL A 198 7.87 -14.78 2.10
CA VAL A 198 8.82 -15.81 1.60
C VAL A 198 10.21 -15.58 2.19
N GLU A 199 10.98 -16.65 2.39
CA GLU A 199 12.32 -16.44 2.95
C GLU A 199 13.23 -15.90 1.84
N ARG A 200 14.17 -15.17 2.33
CA ARG A 200 15.27 -14.45 1.73
C ARG A 200 15.95 -15.21 0.60
N PRO A 201 16.38 -16.43 0.92
CA PRO A 201 16.99 -17.33 -0.03
C PRO A 201 16.14 -17.50 -1.28
N VAL A 202 14.85 -17.82 -1.12
CA VAL A 202 13.93 -17.96 -2.28
C VAL A 202 13.81 -16.64 -3.04
N CYS A 203 13.64 -15.57 -2.30
CA CYS A 203 13.53 -14.21 -2.80
C CYS A 203 14.74 -13.94 -3.70
N LYS A 204 15.92 -14.29 -3.23
CA LYS A 204 17.20 -14.03 -3.88
C LYS A 204 17.42 -14.74 -5.19
N ASP A 205 17.29 -16.02 -5.24
CA ASP A 205 17.44 -17.01 -6.27
C ASP A 205 16.35 -16.96 -7.34
N SER A 206 15.49 -15.98 -7.21
CA SER A 206 14.34 -15.75 -8.08
C SER A 206 14.53 -14.63 -9.10
N THR A 207 15.55 -13.82 -8.92
CA THR A 207 15.80 -12.65 -9.73
C THR A 207 17.28 -12.35 -9.82
N ARG A 208 17.62 -11.43 -10.71
CA ARG A 208 19.03 -11.08 -10.91
C ARG A 208 19.43 -9.85 -10.09
N ILE A 209 18.39 -9.13 -9.67
CA ILE A 209 18.54 -7.87 -8.93
C ILE A 209 19.08 -8.17 -7.52
N ARG A 210 19.82 -7.20 -7.03
CA ARG A 210 20.49 -7.24 -5.71
C ARG A 210 19.49 -6.85 -4.61
N ILE A 211 19.06 -7.88 -3.92
CA ILE A 211 18.09 -7.82 -2.81
C ILE A 211 18.76 -7.15 -1.57
N THR A 212 18.20 -6.02 -1.08
CA THR A 212 18.74 -5.39 0.17
C THR A 212 17.77 -5.68 1.32
N ASP A 213 18.05 -5.12 2.47
CA ASP A 213 17.25 -5.37 3.68
C ASP A 213 16.08 -4.41 3.80
N ASN A 214 16.05 -3.40 3.03
CA ASN A 214 14.83 -2.52 3.04
C ASN A 214 13.83 -3.23 2.11
N MET A 215 13.99 -4.52 2.00
CA MET A 215 13.18 -5.30 1.06
C MET A 215 12.80 -6.64 1.74
N PHE A 216 11.71 -7.15 1.25
CA PHE A 216 11.21 -8.49 1.65
C PHE A 216 10.41 -8.95 0.44
N CYS A 217 10.19 -10.20 0.22
CA CYS A 217 9.37 -10.58 -1.01
C CYS A 217 8.13 -11.34 -0.53
N ALA A 218 7.10 -11.34 -1.36
CA ALA A 218 5.85 -12.00 -1.11
C ALA A 218 5.10 -12.49 -2.36
N GLY A 219 4.63 -13.72 -2.20
CA GLY A 219 3.84 -14.50 -3.14
C GLY A 219 3.91 -15.99 -2.75
N TYR A 220 3.10 -16.86 -3.36
CA TYR A 220 3.15 -18.31 -3.11
C TYR A 220 4.19 -18.90 -4.09
N LYS A 221 4.55 -20.16 -3.80
CA LYS A 221 5.48 -20.83 -4.74
C LYS A 221 4.68 -21.36 -5.93
N PRO A 222 5.37 -21.66 -7.04
CA PRO A 222 4.73 -22.21 -8.22
C PRO A 222 4.00 -23.50 -7.86
N ASP A 223 4.41 -24.00 -6.70
CA ASP A 223 3.92 -25.27 -6.17
C ASP A 223 2.95 -25.26 -5.03
N GLU A 224 2.17 -24.21 -4.67
CA GLU A 224 1.31 -24.39 -3.49
C GLU A 224 -0.17 -24.46 -3.92
N GLY A 225 -0.37 -24.26 -5.21
CA GLY A 225 -1.70 -24.32 -5.83
C GLY A 225 -2.56 -23.08 -5.51
N LYS A 226 -1.90 -21.96 -5.38
CA LYS A 226 -2.57 -20.67 -5.12
C LYS A 226 -1.69 -19.62 -5.74
N ARG A 227 -2.32 -18.64 -6.36
CA ARG A 227 -1.59 -17.53 -7.02
C ARG A 227 -2.02 -16.25 -6.35
N GLY A 228 -1.46 -15.17 -6.81
CA GLY A 228 -1.78 -13.85 -6.25
C GLY A 228 -0.58 -12.94 -6.31
N ASP A 229 -0.86 -11.71 -6.66
CA ASP A 229 0.16 -10.68 -6.76
C ASP A 229 -0.49 -9.32 -6.95
N ALA A 230 0.33 -8.31 -6.73
CA ALA A 230 -0.04 -6.95 -7.01
C ALA A 230 0.24 -6.81 -8.50
N CYS A 231 0.04 -5.74 -9.14
CA CYS A 231 0.34 -5.54 -10.55
C CYS A 231 0.34 -4.04 -10.77
N GLU A 232 0.33 -3.73 -12.05
CA GLU A 232 0.36 -2.36 -12.60
C GLU A 232 -0.68 -1.48 -11.97
N GLY A 233 -0.25 -0.42 -11.34
CA GLY A 233 -1.21 0.56 -10.77
C GLY A 233 -1.38 0.39 -9.27
N ASP A 234 -0.97 -0.75 -8.75
CA ASP A 234 -1.02 -1.11 -7.33
C ASP A 234 0.14 -0.54 -6.53
N SER A 235 1.15 0.00 -7.18
CA SER A 235 2.34 0.57 -6.54
C SER A 235 1.95 1.45 -5.35
N GLY A 236 2.89 1.55 -4.43
CA GLY A 236 2.68 2.44 -3.27
C GLY A 236 1.68 1.88 -2.29
N GLY A 237 0.72 1.10 -2.71
CA GLY A 237 -0.32 0.54 -1.81
C GLY A 237 0.38 -0.21 -0.68
N PRO A 238 -0.38 -0.45 0.40
CA PRO A 238 0.17 -1.11 1.57
C PRO A 238 0.13 -2.61 1.60
N PHE A 239 1.11 -3.18 2.29
CA PHE A 239 1.09 -4.65 2.59
C PHE A 239 0.88 -4.61 4.13
N VAL A 240 -0.25 -5.15 4.61
CA VAL A 240 -0.59 -5.01 6.02
C VAL A 240 -0.73 -6.37 6.69
N MET A 241 -0.61 -6.35 7.99
CA MET A 241 -0.76 -7.52 8.86
C MET A 241 -1.56 -7.10 10.10
N LYS A 242 -2.25 -8.03 10.71
CA LYS A 242 -3.08 -7.73 11.92
C LYS A 242 -2.44 -8.41 13.09
N SER A 243 -1.92 -7.67 14.10
CA SER A 243 -1.30 -8.38 15.23
C SER A 243 -2.34 -9.18 16.00
N PRO A 244 -2.16 -10.49 16.17
CA PRO A 244 -3.10 -11.30 16.93
C PRO A 244 -3.09 -10.90 18.39
N PHE A 245 -2.16 -10.02 18.72
CA PHE A 245 -1.88 -9.55 20.10
C PHE A 245 -2.85 -8.47 20.59
N ASN A 246 -2.93 -7.39 19.81
CA ASN A 246 -3.78 -6.23 20.12
C ASN A 246 -4.73 -5.94 18.94
N ASN A 247 -4.74 -6.95 18.08
CA ASN A 247 -5.50 -7.09 16.81
C ASN A 247 -5.84 -5.73 16.12
N ARG A 248 -4.74 -5.03 15.83
CA ARG A 248 -4.70 -3.76 15.06
C ARG A 248 -3.95 -4.06 13.76
N TRP A 249 -4.20 -3.27 12.73
CA TRP A 249 -3.54 -3.47 11.43
C TRP A 249 -2.36 -2.52 11.29
N TYR A 250 -1.27 -3.22 10.93
CA TYR A 250 0.08 -2.64 10.79
C TYR A 250 0.51 -2.63 9.34
N GLN A 251 1.09 -1.53 8.92
CA GLN A 251 1.55 -1.46 7.52
C GLN A 251 3.00 -1.98 7.50
N MET A 252 3.20 -3.18 7.04
CA MET A 252 4.54 -3.78 7.02
C MET A 252 5.35 -3.56 5.77
N GLY A 253 4.69 -3.42 4.61
CA GLY A 253 5.48 -3.17 3.36
C GLY A 253 4.77 -2.18 2.45
N ILE A 254 5.47 -1.76 1.45
CA ILE A 254 4.97 -0.88 0.38
C ILE A 254 5.31 -1.60 -0.95
N VAL A 255 4.31 -1.78 -1.78
CA VAL A 255 4.43 -2.41 -3.11
C VAL A 255 5.52 -1.65 -3.86
N SER A 256 6.64 -2.30 -4.06
CA SER A 256 7.78 -1.69 -4.72
C SER A 256 7.94 -2.09 -6.18
N TRP A 257 8.36 -3.34 -6.29
CA TRP A 257 8.73 -3.85 -7.65
C TRP A 257 8.47 -5.33 -7.78
N GLY A 258 8.31 -5.68 -9.04
CA GLY A 258 8.14 -7.10 -9.43
C GLY A 258 8.53 -7.25 -10.89
N GLU A 259 8.63 -8.51 -11.26
CA GLU A 259 8.94 -9.05 -12.58
C GLU A 259 7.75 -9.78 -13.17
N GLY A 260 6.92 -8.93 -13.79
CA GLY A 260 5.65 -9.43 -14.36
C GLY A 260 4.55 -9.16 -13.34
N CYS A 261 3.59 -10.03 -13.27
CA CYS A 261 2.44 -10.04 -12.37
C CYS A 261 1.94 -11.48 -12.19
N ASP A 262 2.27 -12.08 -11.07
CA ASP A 262 1.70 -13.45 -10.90
C ASP A 262 2.30 -14.39 -11.95
N ARG A 263 3.61 -14.31 -12.02
CA ARG A 263 4.51 -15.15 -12.80
C ARG A 263 5.16 -16.23 -11.97
N ASP A 264 4.92 -17.47 -12.31
CA ASP A 264 5.42 -18.66 -11.61
C ASP A 264 6.92 -18.58 -11.27
N GLY A 265 7.15 -18.92 -10.00
CA GLY A 265 8.54 -18.90 -9.51
C GLY A 265 8.99 -17.43 -9.45
N LYS A 266 8.00 -16.54 -9.44
CA LYS A 266 8.23 -15.09 -9.26
C LYS A 266 7.30 -14.54 -8.15
N TYR A 267 7.93 -13.70 -7.31
CA TYR A 267 7.44 -13.03 -6.13
C TYR A 267 7.43 -11.50 -6.13
N GLY A 268 6.67 -10.94 -5.17
CA GLY A 268 6.56 -9.48 -5.02
C GLY A 268 7.59 -8.92 -4.08
N PHE A 269 8.23 -7.80 -4.40
CA PHE A 269 9.20 -7.11 -3.52
C PHE A 269 8.51 -5.81 -3.03
N TYR A 270 8.69 -5.63 -1.76
CA TYR A 270 8.08 -4.59 -0.95
C TYR A 270 9.11 -3.85 -0.10
N THR A 271 8.92 -2.54 0.07
CA THR A 271 9.79 -1.77 0.99
C THR A 271 9.47 -2.20 2.43
N HIS A 272 10.56 -2.36 3.16
CA HIS A 272 10.51 -2.85 4.56
C HIS A 272 10.21 -1.61 5.41
N VAL A 273 8.92 -1.40 5.62
CA VAL A 273 8.46 -0.13 6.26
C VAL A 273 9.19 0.06 7.58
N PHE A 274 9.37 -1.00 8.33
CA PHE A 274 9.98 -0.93 9.65
C PHE A 274 11.41 -0.43 9.65
N ARG A 275 12.21 -1.00 8.75
CA ARG A 275 13.60 -0.61 8.52
C ARG A 275 13.69 0.89 8.27
N LEU A 276 12.72 1.48 7.62
CA LEU A 276 12.86 2.93 7.35
C LEU A 276 12.03 3.78 8.31
N LYS A 277 11.51 3.21 9.36
CA LYS A 277 10.62 3.91 10.30
C LYS A 277 11.25 5.13 10.92
N LYS A 278 12.57 5.02 11.08
CA LYS A 278 13.29 6.12 11.76
C LYS A 278 13.26 7.34 10.88
N TRP A 279 13.64 7.19 9.61
CA TRP A 279 13.61 8.34 8.67
C TRP A 279 12.21 8.93 8.72
N ILE A 280 11.18 8.11 8.66
CA ILE A 280 9.80 8.58 8.78
C ILE A 280 9.57 9.34 10.08
N GLN A 281 10.18 8.96 11.21
CA GLN A 281 9.97 9.76 12.43
C GLN A 281 10.64 11.13 12.14
N LYS A 282 11.90 10.90 11.79
CA LYS A 282 12.76 12.06 11.52
C LYS A 282 12.00 13.10 10.72
N VAL A 283 11.35 12.78 9.62
CA VAL A 283 10.63 13.78 8.83
C VAL A 283 9.31 14.22 9.43
N ILE A 284 8.70 13.43 10.30
CA ILE A 284 7.40 13.93 10.77
C ILE A 284 7.54 15.04 11.80
N ASP A 285 8.58 14.96 12.59
CA ASP A 285 8.73 15.99 13.65
C ASP A 285 9.82 17.00 13.38
N GLN A 286 10.09 17.25 12.10
CA GLN A 286 11.04 18.32 11.83
C GLN A 286 10.14 19.40 11.18
N PHE A 287 9.27 18.86 10.34
CA PHE A 287 8.39 19.73 9.53
C PHE A 287 6.94 19.32 9.47
N GLY A 288 6.53 18.48 10.40
CA GLY A 288 5.14 18.02 10.34
C GLY A 288 4.35 18.47 11.56
N ASP B 1 -12.30 7.31 -18.29
CA ASP B 1 -13.14 6.15 -17.78
C ASP B 1 -13.63 6.64 -16.41
N PHE B 2 -12.87 7.64 -16.01
CA PHE B 2 -12.99 8.32 -14.74
C PHE B 2 -14.07 9.40 -14.76
N GLU B 3 -15.02 9.25 -13.85
CA GLU B 3 -16.03 10.32 -13.67
C GLU B 3 -15.22 11.55 -13.25
N GLU B 4 -15.59 12.72 -13.67
CA GLU B 4 -14.93 14.00 -13.33
C GLU B 4 -15.12 14.33 -11.84
N ILE B 5 -14.20 15.10 -11.29
CA ILE B 5 -14.27 15.48 -9.87
C ILE B 5 -14.62 16.94 -9.69
N PRO B 6 -15.15 17.22 -8.51
CA PRO B 6 -15.50 18.63 -8.17
C PRO B 6 -14.41 19.49 -8.78
N GLU B 7 -14.87 20.13 -9.85
CA GLU B 7 -14.08 21.06 -10.63
C GLU B 7 -13.42 22.01 -9.66
N GLU B 8 -13.88 21.96 -8.40
CA GLU B 8 -13.37 22.84 -7.35
C GLU B 8 -12.04 22.37 -6.77
N TYS B 9 -11.61 21.20 -7.17
CA TYS B 9 -10.44 20.44 -6.82
CB TYS B 9 -10.91 18.92 -6.81
CG TYS B 9 -11.64 18.67 -5.49
CD1 TYS B 9 -11.00 19.06 -4.30
CD2 TYS B 9 -12.91 18.10 -5.45
CE1 TYS B 9 -11.62 18.84 -3.08
CE2 TYS B 9 -13.55 17.94 -4.23
CZ TYS B 9 -12.89 18.29 -3.06
OH TYS B 9 -13.51 18.04 -1.87
S TYS B 9 -13.78 16.56 -1.20
O1 TYS B 9 -14.49 15.73 -2.13
O2 TYS B 9 -12.49 16.07 -0.78
O3 TYS B 9 -14.58 16.92 0.00
C TYS B 9 -9.21 20.46 -7.71
O TYS B 9 -8.37 19.54 -7.62
N LEU B 10 -9.09 21.45 -8.56
CA LEU B 10 -8.00 21.64 -9.51
C LEU B 10 -7.78 23.11 -9.85
NA NA C . 19.71 -14.21 -7.57
NA NA D . 3.65 -15.00 -8.58
C1 00P E . 5.03 -1.85 -9.63
N1 00P E . 6.41 -2.07 -10.08
C2 00P E . 4.15 -3.13 -9.43
N2 00P E . 4.09 -7.56 -9.83
C3 00P E . 4.75 -4.08 -8.34
C4 00P E . 4.16 -5.54 -8.35
C5 00P E . 4.28 -6.10 -9.78
C6 00P E . 3.31 -5.31 -10.66
C7 00P E . 3.82 -3.85 -10.79
N07 00P E . 10.43 -3.14 -12.74
C08 00P E . 10.86 -1.91 -13.25
O09 00P E . 11.63 -1.70 -14.18
N10 00P E . 10.25 -0.92 -12.47
N11 00P E . 9.45 -1.56 -11.53
C12 00P E . 9.55 -2.92 -11.70
O13 00P E . 8.93 -3.73 -11.04
C14 00P E . 10.75 0.42 -12.24
C15 00P E . 9.68 1.24 -11.56
C16 00P E . 8.69 0.64 -10.88
C17 00P E . 8.56 -0.84 -10.62
C18 00P E . 7.08 -1.22 -10.99
O19 00P E . 6.61 -0.94 -12.08
C31 00P E . 10.73 -4.43 -13.34
C32 00P E . 11.01 -5.57 -12.37
S33 00P E . 12.76 -5.67 -12.55
O34 00P E . 13.34 -6.83 -11.93
O35 00P E . 13.06 -5.43 -13.98
C36 00P E . 13.53 -4.25 -11.76
C37 00P E . 14.32 -4.41 -10.63
C38 00P E . 14.93 -3.29 -10.08
C39 00P E . 14.75 -2.03 -10.65
C40 00P E . 13.97 -1.86 -11.79
C41 00P E . 13.36 -2.99 -12.35
#